data_5GZ8
#
_entry.id   5GZ8
#
_cell.length_a   81.885
_cell.length_b   81.885
_cell.length_c   147.745
_cell.angle_alpha   90.00
_cell.angle_beta   90.00
_cell.angle_gamma   120.00
#
_symmetry.space_group_name_H-M   'P 31 2 1'
#
loop_
_entity.id
_entity.type
_entity.pdbx_description
1 polymer 'Protein O-mannose kinase'
2 water water
#
_entity_poly.entity_id   1
_entity_poly.type   'polypeptide(L)'
_entity_poly.pdbx_seq_one_letter_code
;GRSTADSRRCPPGYFRMGRMRQCSRWLSCEELRTEVRQLKRVGEGAVKRVFLSEWKEHKVALSRLTRLEMKEDFLHGLQM
LKSLQSEHVVTLVGYCEEDGTILTEYHPLGSLSNLEETLQLSKYQDVNTWQHRLQLAMEYVSIINYLHHSPLGTRVMCDS
NDLPKTLSQYLLTSNFSIVANDLDALPLVDHDSGVLIKCGHRELHGDFVAPEQLWPYGEDTPFQDDLMPSYNEKVDIWKI
PDVSSFLLGHVEGSDMVRFHLFDIHKACKSQIPAERPTAQNVLDAYQRVFHSLRDTVMSQTKEML
;
_entity_poly.pdbx_strand_id   A
#
# COMPACT_ATOMS: atom_id res chain seq x y z
N CYS A 10 -1.80 6.38 -19.19
CA CYS A 10 -3.02 5.92 -19.85
C CYS A 10 -4.24 6.71 -19.39
N PRO A 11 -5.23 6.84 -20.27
CA PRO A 11 -6.50 7.47 -19.87
C PRO A 11 -7.25 6.58 -18.90
N PRO A 12 -8.24 7.12 -18.19
CA PRO A 12 -9.05 6.29 -17.29
C PRO A 12 -9.75 5.18 -18.07
N GLY A 13 -9.66 3.96 -17.54
CA GLY A 13 -10.23 2.80 -18.19
C GLY A 13 -9.27 2.03 -19.07
N TYR A 14 -8.02 2.46 -19.18
CA TYR A 14 -7.03 1.82 -20.03
C TYR A 14 -5.82 1.40 -19.21
N PHE A 15 -5.12 0.38 -19.69
CA PHE A 15 -3.92 -0.15 -19.05
C PHE A 15 -2.80 -0.22 -20.06
N ARG A 16 -1.60 -0.56 -19.56
CA ARG A 16 -0.47 -0.87 -20.42
C ARG A 16 0.65 -1.43 -19.57
N MET A 17 1.31 -2.48 -20.07
CA MET A 17 2.41 -3.11 -19.37
C MET A 17 3.36 -3.70 -20.40
N GLY A 18 4.59 -3.95 -19.95
CA GLY A 18 5.60 -4.52 -20.81
C GLY A 18 5.94 -3.60 -21.96
N ARG A 19 6.27 -4.21 -23.10
CA ARG A 19 6.66 -3.48 -24.30
C ARG A 19 5.48 -2.93 -25.08
N MET A 20 4.27 -2.94 -24.51
CA MET A 20 3.13 -2.31 -25.16
C MET A 20 3.42 -0.83 -25.38
N ARG A 21 3.20 -0.37 -26.60
CA ARG A 21 3.44 1.03 -26.93
C ARG A 21 2.22 1.91 -26.74
N GLN A 22 1.02 1.34 -26.69
CA GLN A 22 -0.20 2.11 -26.60
C GLN A 22 -1.13 1.50 -25.57
N CYS A 23 -2.03 2.32 -25.05
CA CYS A 23 -2.94 1.88 -23.99
C CYS A 23 -4.09 1.08 -24.59
N SER A 24 -4.38 -0.07 -23.98
CA SER A 24 -5.51 -0.89 -24.37
C SER A 24 -6.60 -0.79 -23.30
N ARG A 25 -7.84 -0.86 -23.75
CA ARG A 25 -8.97 -0.89 -22.83
C ARG A 25 -8.89 -2.13 -21.93
N TRP A 26 -9.28 -1.96 -20.66
CA TRP A 26 -9.35 -3.04 -19.69
C TRP A 26 -9.97 -4.31 -20.29
N LEU A 27 -9.65 -5.47 -19.74
CA LEU A 27 -10.29 -6.69 -20.20
C LEU A 27 -11.60 -6.90 -19.46
N SER A 28 -12.56 -7.51 -20.15
CA SER A 28 -13.90 -7.71 -19.61
C SER A 28 -14.12 -9.18 -19.25
N CYS A 29 -15.35 -9.49 -18.84
CA CYS A 29 -15.70 -10.86 -18.47
C CYS A 29 -15.34 -11.84 -19.57
N GLU A 30 -15.49 -11.44 -20.82
CA GLU A 30 -15.31 -12.36 -21.93
C GLU A 30 -13.83 -12.66 -22.18
N GLU A 31 -12.94 -11.70 -21.91
CA GLU A 31 -11.52 -11.93 -22.13
C GLU A 31 -10.90 -12.75 -21.01
N LEU A 32 -11.21 -12.40 -19.76
CA LEU A 32 -10.75 -13.21 -18.64
C LEU A 32 -11.27 -14.65 -18.74
N ARG A 33 -12.47 -14.82 -19.31
CA ARG A 33 -13.06 -16.16 -19.43
C ARG A 33 -12.36 -16.99 -20.49
N THR A 34 -11.73 -16.36 -21.48
CA THR A 34 -11.26 -17.08 -22.66
C THR A 34 -9.77 -16.93 -22.96
N GLU A 35 -9.12 -15.84 -22.55
CA GLU A 35 -7.77 -15.54 -23.01
C GLU A 35 -6.71 -15.69 -21.93
N VAL A 36 -7.08 -16.07 -20.71
CA VAL A 36 -6.16 -16.08 -19.57
C VAL A 36 -5.92 -17.52 -19.14
N ARG A 37 -4.67 -17.96 -19.21
CA ARG A 37 -4.29 -19.29 -18.76
C ARG A 37 -3.73 -19.21 -17.35
N GLN A 38 -4.42 -19.85 -16.41
CA GLN A 38 -3.94 -19.91 -15.04
C GLN A 38 -2.70 -20.79 -14.96
N LEU A 39 -1.73 -20.37 -14.15
CA LEU A 39 -0.43 -21.04 -14.06
C LEU A 39 -0.23 -21.70 -12.72
N LYS A 40 -0.03 -20.92 -11.65
CA LYS A 40 0.18 -21.55 -10.36
C LYS A 40 -0.31 -20.62 -9.26
N ARG A 41 -0.69 -21.21 -8.15
CA ARG A 41 -1.45 -20.48 -7.15
C ARG A 41 -0.49 -19.85 -6.15
N VAL A 42 -0.66 -18.55 -5.91
CA VAL A 42 0.14 -17.83 -4.95
C VAL A 42 -0.77 -17.14 -3.94
N GLY A 43 -0.13 -16.46 -3.00
CA GLY A 43 -0.78 -15.54 -2.09
C GLY A 43 -1.65 -16.16 -1.03
N LYS A 48 -10.17 -13.30 -1.62
CA LYS A 48 -9.32 -13.24 -2.81
C LYS A 48 -8.34 -14.41 -2.88
N ARG A 49 -8.50 -15.26 -3.88
CA ARG A 49 -7.56 -16.34 -4.16
C ARG A 49 -6.74 -15.94 -5.38
N VAL A 50 -5.47 -15.63 -5.14
CA VAL A 50 -4.63 -15.03 -6.17
C VAL A 50 -3.91 -16.12 -6.96
N PHE A 51 -3.89 -15.97 -8.27
CA PHE A 51 -3.21 -16.92 -9.16
C PHE A 51 -2.28 -16.18 -10.10
N LEU A 52 -1.01 -16.59 -10.14
CA LEU A 52 -0.16 -16.20 -11.25
C LEU A 52 -0.70 -16.78 -12.54
N SER A 53 -0.90 -15.93 -13.53
CA SER A 53 -1.50 -16.34 -14.79
C SER A 53 -0.75 -15.67 -15.94
N GLU A 54 -1.18 -15.97 -17.16
CA GLU A 54 -0.59 -15.36 -18.34
C GLU A 54 -1.69 -14.94 -19.31
N TRP A 55 -1.50 -13.78 -19.92
CA TRP A 55 -2.37 -13.27 -20.99
C TRP A 55 -1.48 -12.86 -22.14
N LYS A 56 -1.61 -13.55 -23.27
CA LYS A 56 -0.57 -13.61 -24.30
C LYS A 56 0.81 -13.61 -23.67
N GLU A 57 1.56 -12.53 -23.85
CA GLU A 57 2.96 -12.50 -23.45
C GLU A 57 3.18 -11.92 -22.05
N HIS A 58 2.12 -11.68 -21.28
CA HIS A 58 2.23 -10.98 -20.02
C HIS A 58 1.91 -11.90 -18.86
N LYS A 59 2.79 -11.94 -17.87
CA LYS A 59 2.45 -12.51 -16.58
C LYS A 59 1.49 -11.58 -15.86
N VAL A 60 0.36 -12.13 -15.40
CA VAL A 60 -0.66 -11.33 -14.74
C VAL A 60 -1.11 -12.04 -13.46
N ALA A 61 -1.68 -11.26 -12.56
CA ALA A 61 -2.23 -11.78 -11.30
C ALA A 61 -3.74 -11.89 -11.43
N LEU A 62 -4.29 -13.04 -11.04
CA LEU A 62 -5.71 -13.31 -11.13
C LEU A 62 -6.24 -13.59 -9.73
N SER A 63 -6.90 -12.60 -9.13
CA SER A 63 -7.53 -12.77 -7.82
C SER A 63 -9.00 -13.12 -8.01
N ARG A 64 -9.42 -14.23 -7.41
CA ARG A 64 -10.82 -14.62 -7.42
C ARG A 64 -11.38 -14.52 -6.00
N LEU A 65 -12.51 -13.81 -5.88
CA LEU A 65 -13.29 -13.76 -4.65
C LEU A 65 -13.44 -15.13 -4.03
N THR A 66 -12.99 -15.28 -2.79
CA THR A 66 -12.97 -16.58 -2.15
C THR A 66 -14.33 -16.97 -1.59
N ARG A 67 -14.98 -16.06 -0.86
CA ARG A 67 -16.23 -16.34 -0.15
C ARG A 67 -17.25 -15.26 -0.50
N LEU A 68 -18.37 -15.68 -1.10
CA LEU A 68 -19.37 -14.74 -1.59
C LEU A 68 -19.94 -13.84 -0.52
N GLU A 69 -19.64 -14.08 0.76
CA GLU A 69 -20.14 -13.23 1.83
C GLU A 69 -19.45 -11.87 1.87
N MET A 70 -18.34 -11.69 1.16
CA MET A 70 -17.63 -10.43 1.07
C MET A 70 -17.70 -9.83 -0.32
N LYS A 71 -18.86 -9.94 -0.98
CA LYS A 71 -19.01 -9.38 -2.31
C LYS A 71 -18.86 -7.86 -2.33
N GLU A 72 -19.08 -7.21 -1.18
CA GLU A 72 -18.92 -5.76 -1.15
C GLU A 72 -17.50 -5.34 -0.79
N ASP A 73 -16.81 -6.10 0.08
CA ASP A 73 -15.39 -5.84 0.33
C ASP A 73 -14.55 -6.09 -0.92
N PHE A 74 -15.05 -6.92 -1.84
CA PHE A 74 -14.37 -7.18 -3.10
C PHE A 74 -14.64 -6.07 -4.12
N LEU A 75 -15.91 -5.67 -4.25
CA LEU A 75 -16.27 -4.66 -5.24
C LEU A 75 -15.69 -3.30 -4.88
N HIS A 76 -15.78 -2.90 -3.61
CA HIS A 76 -15.26 -1.59 -3.22
C HIS A 76 -13.74 -1.55 -3.23
N GLY A 77 -13.07 -2.70 -3.13
CA GLY A 77 -11.66 -2.74 -3.43
C GLY A 77 -11.39 -2.58 -4.91
N LEU A 78 -12.26 -3.15 -5.74
CA LEU A 78 -12.13 -3.00 -7.19
C LEU A 78 -12.40 -1.56 -7.62
N GLN A 79 -13.48 -0.97 -7.11
CA GLN A 79 -13.77 0.44 -7.42
C GLN A 79 -12.63 1.33 -6.95
N MET A 80 -12.07 1.05 -5.78
CA MET A 80 -10.87 1.75 -5.33
C MET A 80 -9.71 1.54 -6.31
N LEU A 81 -9.55 0.31 -6.80
CA LEU A 81 -8.48 0.02 -7.75
C LEU A 81 -8.72 0.73 -9.07
N LYS A 82 -9.97 0.84 -9.50
CA LYS A 82 -10.28 1.47 -10.77
C LYS A 82 -9.98 2.97 -10.75
N SER A 83 -10.45 3.67 -9.71
CA SER A 83 -10.31 5.11 -9.67
C SER A 83 -8.87 5.53 -9.38
N LEU A 84 -8.12 4.72 -8.64
CA LEU A 84 -6.80 5.10 -8.15
C LEU A 84 -5.67 4.61 -9.05
N GLN A 85 -5.97 4.26 -10.30
CA GLN A 85 -4.91 3.89 -11.23
C GLN A 85 -3.93 5.03 -11.41
N SER A 86 -2.65 4.75 -11.16
CA SER A 86 -1.60 5.75 -11.16
C SER A 86 -0.27 5.03 -11.06
N GLU A 87 0.82 5.81 -11.03
CA GLU A 87 2.14 5.23 -10.82
C GLU A 87 2.32 4.64 -9.43
N HIS A 88 1.43 4.96 -8.49
CA HIS A 88 1.53 4.47 -7.12
C HIS A 88 0.75 3.18 -6.88
N VAL A 89 -0.03 2.73 -7.86
CA VAL A 89 -0.95 1.61 -7.66
C VAL A 89 -0.71 0.57 -8.74
N VAL A 90 -0.90 -0.70 -8.38
CA VAL A 90 -0.76 -1.79 -9.33
C VAL A 90 -1.68 -1.56 -10.53
N THR A 91 -1.24 -2.02 -11.69
CA THR A 91 -1.96 -1.79 -12.94
C THR A 91 -3.12 -2.75 -13.08
N LEU A 92 -4.33 -2.20 -13.18
CA LEU A 92 -5.53 -2.99 -13.41
C LEU A 92 -5.61 -3.35 -14.89
N VAL A 93 -5.67 -4.65 -15.18
CA VAL A 93 -5.72 -5.14 -16.55
C VAL A 93 -7.15 -5.50 -16.97
N GLY A 94 -7.91 -6.08 -16.06
CA GLY A 94 -9.29 -6.43 -16.35
C GLY A 94 -9.97 -6.95 -15.11
N TYR A 95 -11.29 -7.07 -15.20
CA TYR A 95 -12.08 -7.60 -14.10
C TYR A 95 -13.39 -8.15 -14.64
N CYS A 96 -14.07 -8.93 -13.81
CA CYS A 96 -15.40 -9.43 -14.14
C CYS A 96 -16.20 -9.54 -12.85
N GLU A 97 -17.24 -8.72 -12.74
CA GLU A 97 -18.02 -8.69 -11.50
C GLU A 97 -18.79 -9.98 -11.28
N GLU A 98 -19.27 -10.60 -12.37
CA GLU A 98 -20.07 -11.82 -12.23
C GLU A 98 -19.23 -12.97 -11.69
N ASP A 99 -17.99 -13.10 -12.18
CA ASP A 99 -17.10 -14.15 -11.70
C ASP A 99 -16.38 -13.79 -10.41
N GLY A 100 -16.52 -12.56 -9.93
CA GLY A 100 -15.77 -12.12 -8.78
C GLY A 100 -14.28 -12.24 -9.02
N THR A 101 -13.82 -11.75 -10.17
CA THR A 101 -12.45 -11.95 -10.62
C THR A 101 -11.84 -10.62 -11.03
N ILE A 102 -10.55 -10.46 -10.74
CA ILE A 102 -9.80 -9.25 -11.05
C ILE A 102 -8.45 -9.66 -11.64
N LEU A 103 -8.07 -8.98 -12.72
CA LEU A 103 -6.79 -9.22 -13.39
C LEU A 103 -5.90 -8.00 -13.22
N THR A 104 -4.66 -8.23 -12.77
CA THR A 104 -3.70 -7.16 -12.58
C THR A 104 -2.33 -7.62 -13.08
N GLU A 105 -1.44 -6.64 -13.27
CA GLU A 105 -0.09 -6.96 -13.71
C GLU A 105 0.68 -7.67 -12.60
N TYR A 106 1.35 -8.75 -12.96
CA TYR A 106 2.09 -9.55 -11.99
C TYR A 106 3.48 -8.96 -11.78
N HIS A 107 3.98 -9.11 -10.55
CA HIS A 107 5.31 -8.61 -10.18
C HIS A 107 6.10 -9.75 -9.54
N PRO A 108 7.13 -10.26 -10.22
CA PRO A 108 7.83 -11.45 -9.70
C PRO A 108 8.51 -11.22 -8.36
N LEU A 109 9.07 -10.04 -8.13
CA LEU A 109 9.80 -9.77 -6.89
C LEU A 109 8.91 -9.82 -5.65
N GLY A 110 7.59 -9.82 -5.83
CA GLY A 110 6.70 -10.02 -4.70
C GLY A 110 6.60 -8.83 -3.77
N SER A 111 6.22 -9.14 -2.54
CA SER A 111 5.89 -8.12 -1.56
C SER A 111 7.12 -7.35 -1.11
N LEU A 112 6.87 -6.17 -0.51
CA LEU A 112 7.93 -5.42 0.15
C LEU A 112 8.59 -6.20 1.27
N SER A 113 7.92 -7.24 1.77
CA SER A 113 8.49 -8.06 2.84
C SER A 113 9.76 -8.76 2.39
N ASN A 114 9.78 -9.21 1.13
CA ASN A 114 10.94 -9.93 0.58
C ASN A 114 12.08 -9.00 0.20
N LEU A 115 12.06 -7.73 0.63
CA LEU A 115 13.04 -6.76 0.16
C LEU A 115 14.46 -7.20 0.45
N GLU A 116 14.73 -7.64 1.67
CA GLU A 116 16.09 -8.02 2.04
C GLU A 116 16.55 -9.24 1.25
N GLU A 117 15.69 -10.25 1.15
CA GLU A 117 16.02 -11.42 0.33
C GLU A 117 16.20 -11.02 -1.13
N THR A 118 15.35 -10.11 -1.63
CA THR A 118 15.44 -9.71 -3.03
C THR A 118 16.73 -8.95 -3.31
N LEU A 119 17.19 -8.13 -2.37
CA LEU A 119 18.35 -7.27 -2.58
C LEU A 119 19.67 -8.00 -2.49
N GLN A 120 19.69 -9.32 -2.62
CA GLN A 120 20.95 -10.06 -2.62
C GLN A 120 20.89 -11.22 -3.62
N GLN A 125 23.10 -7.00 -4.82
CA GLN A 125 22.93 -6.34 -6.10
C GLN A 125 23.59 -4.97 -6.13
N ASP A 126 23.52 -4.31 -7.29
CA ASP A 126 24.06 -2.97 -7.44
C ASP A 126 23.09 -1.88 -6.99
N VAL A 127 21.88 -2.25 -6.56
CA VAL A 127 20.93 -1.32 -5.96
C VAL A 127 20.80 -1.54 -4.46
N ASN A 128 21.71 -2.30 -3.86
CA ASN A 128 21.71 -2.53 -2.42
C ASN A 128 22.49 -1.44 -1.69
N THR A 129 22.12 -0.20 -1.94
CA THR A 129 22.77 0.97 -1.37
C THR A 129 21.78 1.78 -0.55
N TRP A 130 22.30 2.67 0.29
CA TRP A 130 21.43 3.54 1.06
C TRP A 130 20.69 4.53 0.16
N GLN A 131 21.29 4.89 -0.98
CA GLN A 131 20.64 5.81 -1.90
C GLN A 131 19.35 5.20 -2.46
N HIS A 132 19.42 3.93 -2.89
CA HIS A 132 18.25 3.28 -3.47
C HIS A 132 17.21 2.98 -2.41
N ARG A 133 17.65 2.56 -1.22
CA ARG A 133 16.71 2.27 -0.14
C ARG A 133 16.02 3.52 0.34
N LEU A 134 16.76 4.64 0.42
CA LEU A 134 16.14 5.91 0.80
C LEU A 134 15.14 6.37 -0.27
N GLN A 135 15.50 6.20 -1.54
CA GLN A 135 14.56 6.52 -2.61
C GLN A 135 13.36 5.58 -2.59
N LEU A 136 13.58 4.32 -2.20
CA LEU A 136 12.46 3.42 -1.93
C LEU A 136 11.56 3.99 -0.85
N ALA A 137 12.14 4.58 0.19
CA ALA A 137 11.34 5.18 1.26
C ALA A 137 10.59 6.40 0.76
N MET A 138 11.22 7.22 -0.09
CA MET A 138 10.51 8.34 -0.70
C MET A 138 9.36 7.85 -1.57
N GLU A 139 9.51 6.68 -2.19
CA GLU A 139 8.41 6.12 -2.97
C GLU A 139 7.25 5.70 -2.08
N TYR A 140 7.55 5.10 -0.92
CA TYR A 140 6.49 4.69 -0.01
C TYR A 140 5.69 5.88 0.47
N VAL A 141 6.38 6.94 0.89
CA VAL A 141 5.70 8.16 1.34
C VAL A 141 4.91 8.78 0.19
N SER A 142 5.41 8.66 -1.03
CA SER A 142 4.69 9.17 -2.19
C SER A 142 3.36 8.46 -2.38
N ILE A 143 3.30 7.17 -2.08
CA ILE A 143 2.03 6.44 -2.13
C ILE A 143 1.08 6.96 -1.07
N ILE A 144 1.57 7.09 0.17
CA ILE A 144 0.76 7.62 1.26
C ILE A 144 0.24 9.01 0.90
N ASN A 145 1.12 9.86 0.38
CA ASN A 145 0.72 11.20 -0.02
C ASN A 145 -0.36 11.16 -1.10
N TYR A 146 -0.21 10.27 -2.09
CA TYR A 146 -1.22 10.15 -3.12
C TYR A 146 -2.53 9.63 -2.55
N LEU A 147 -2.47 8.64 -1.66
CA LEU A 147 -3.70 8.11 -1.07
C LEU A 147 -4.44 9.17 -0.28
N HIS A 148 -3.72 10.06 0.40
CA HIS A 148 -4.35 11.12 1.16
C HIS A 148 -4.92 12.22 0.28
N HIS A 149 -4.54 12.28 -0.99
CA HIS A 149 -5.09 13.22 -1.96
C HIS A 149 -5.57 12.49 -3.21
N SER A 150 -6.20 11.34 -3.01
CA SER A 150 -6.58 10.49 -4.12
C SER A 150 -7.78 11.07 -4.86
N PRO A 151 -8.04 10.61 -6.08
CA PRO A 151 -9.29 11.00 -6.77
C PRO A 151 -10.54 10.74 -5.95
N LEU A 152 -10.55 9.68 -5.14
CA LEU A 152 -11.69 9.38 -4.27
C LEU A 152 -11.51 9.96 -2.87
N GLY A 153 -10.84 11.10 -2.74
CA GLY A 153 -10.67 11.74 -1.46
C GLY A 153 -9.54 11.13 -0.65
N THR A 154 -9.45 11.57 0.60
CA THR A 154 -8.42 11.10 1.51
C THR A 154 -8.74 9.67 1.96
N ARG A 155 -7.86 8.73 1.63
CA ARG A 155 -8.04 7.33 1.96
C ARG A 155 -6.95 6.87 2.92
N VAL A 156 -7.32 6.01 3.86
CA VAL A 156 -6.42 5.53 4.91
C VAL A 156 -6.15 4.06 4.70
N MET A 157 -4.88 3.67 4.76
CA MET A 157 -4.46 2.27 4.65
C MET A 157 -4.72 1.59 6.00
N CYS A 158 -5.97 1.18 6.21
CA CYS A 158 -6.40 0.73 7.54
C CYS A 158 -5.80 -0.60 7.95
N ASP A 159 -5.46 -1.47 7.01
CA ASP A 159 -4.99 -2.81 7.38
C ASP A 159 -3.47 -2.83 7.50
N SER A 160 -2.97 -1.99 8.40
CA SER A 160 -1.54 -1.86 8.67
C SER A 160 -1.33 -1.83 10.18
N ASN A 161 -1.63 -2.93 10.84
CA ASN A 161 -1.58 -3.02 12.29
C ASN A 161 -0.24 -3.54 12.81
N ASP A 162 0.60 -4.13 11.95
CA ASP A 162 1.97 -4.48 12.31
C ASP A 162 2.84 -4.28 11.07
N LEU A 163 4.14 -4.47 11.24
CA LEU A 163 5.05 -4.27 10.12
C LEU A 163 4.88 -5.31 9.02
N PRO A 164 4.81 -6.62 9.30
CA PRO A 164 4.65 -7.57 8.19
C PRO A 164 3.38 -7.38 7.39
N LYS A 165 2.27 -7.04 8.05
CA LYS A 165 1.02 -6.83 7.32
C LYS A 165 1.06 -5.53 6.53
N THR A 166 1.71 -4.50 7.07
CA THR A 166 1.81 -3.23 6.35
C THR A 166 2.60 -3.40 5.05
N LEU A 167 3.73 -4.10 5.12
CA LEU A 167 4.56 -4.29 3.93
C LEU A 167 3.91 -5.25 2.94
N SER A 168 3.11 -6.19 3.42
CA SER A 168 2.49 -7.18 2.54
C SER A 168 1.56 -6.54 1.52
N GLN A 169 1.07 -5.34 1.79
CA GLN A 169 0.13 -4.67 0.89
C GLN A 169 0.81 -3.93 -0.26
N TYR A 170 2.14 -3.94 -0.31
CA TYR A 170 2.87 -3.25 -1.36
C TYR A 170 3.74 -4.24 -2.11
N LEU A 171 3.88 -4.04 -3.40
CA LEU A 171 4.64 -4.92 -4.27
C LEU A 171 5.87 -4.21 -4.81
N LEU A 172 6.93 -4.99 -5.05
CA LEU A 172 8.18 -4.50 -5.59
C LEU A 172 8.22 -4.83 -7.09
N THR A 173 8.25 -3.81 -7.92
CA THR A 173 8.30 -4.04 -9.36
C THR A 173 9.72 -4.40 -9.78
N SER A 174 9.85 -4.89 -11.02
CA SER A 174 11.14 -5.33 -11.52
C SER A 174 12.11 -4.16 -11.72
N ASN A 175 11.61 -2.93 -11.83
CA ASN A 175 12.45 -1.75 -11.84
C ASN A 175 12.75 -1.25 -10.42
N PHE A 176 12.42 -2.05 -9.41
CA PHE A 176 12.61 -1.69 -8.00
C PHE A 176 11.90 -0.38 -7.65
N SER A 177 10.61 -0.33 -7.99
CA SER A 177 9.69 0.67 -7.51
C SER A 177 8.63 -0.01 -6.65
N ILE A 178 7.86 0.80 -5.92
CA ILE A 178 6.83 0.30 -5.01
C ILE A 178 5.48 0.73 -5.53
N VAL A 179 4.53 -0.19 -5.52
CA VAL A 179 3.14 0.09 -5.86
C VAL A 179 2.24 -0.52 -4.79
N ALA A 180 1.15 0.16 -4.47
CA ALA A 180 0.15 -0.38 -3.57
C ALA A 180 -0.69 -1.42 -4.30
N ASN A 181 -0.97 -2.53 -3.62
CA ASN A 181 -1.68 -3.65 -4.23
C ASN A 181 -3.01 -3.94 -3.57
N ASP A 182 -3.05 -3.99 -2.24
CA ASP A 182 -4.26 -4.33 -1.50
C ASP A 182 -4.99 -3.04 -1.13
N LEU A 183 -6.13 -2.80 -1.79
CA LEU A 183 -6.93 -1.61 -1.54
C LEU A 183 -8.30 -1.94 -0.94
N ASP A 184 -8.42 -3.08 -0.26
CA ASP A 184 -9.71 -3.51 0.25
C ASP A 184 -10.08 -2.87 1.59
N ALA A 185 -9.16 -2.16 2.23
CA ALA A 185 -9.42 -1.51 3.51
C ALA A 185 -8.97 -0.04 3.42
N LEU A 186 -9.67 0.74 2.59
CA LEU A 186 -9.38 2.15 2.36
C LEU A 186 -10.62 2.98 2.67
N PRO A 187 -10.90 3.24 3.95
CA PRO A 187 -12.02 4.12 4.29
C PRO A 187 -11.71 5.57 3.91
N LEU A 188 -12.76 6.39 3.96
CA LEU A 188 -12.71 7.77 3.51
C LEU A 188 -12.72 8.72 4.71
N VAL A 189 -11.83 9.71 4.68
CA VAL A 189 -11.79 10.77 5.69
C VAL A 189 -12.29 12.05 5.02
N ASP A 190 -13.34 12.63 5.58
CA ASP A 190 -13.93 13.88 5.10
C ASP A 190 -14.25 13.84 3.60
N VAL A 195 -16.59 13.34 8.55
CA VAL A 195 -16.37 11.93 8.31
C VAL A 195 -15.00 11.49 8.82
N LEU A 196 -14.99 10.74 9.90
CA LEU A 196 -13.79 10.13 10.44
C LEU A 196 -13.85 8.61 10.28
N ILE A 197 -12.74 7.95 10.58
CA ILE A 197 -12.60 6.53 10.27
C ILE A 197 -12.18 5.75 11.51
N LYS A 198 -12.41 4.45 11.44
CA LYS A 198 -11.97 3.49 12.45
C LYS A 198 -11.57 2.23 11.69
N CYS A 199 -10.37 1.73 11.96
CA CYS A 199 -9.83 0.58 11.23
C CYS A 199 -10.33 -0.69 11.89
N GLY A 200 -11.50 -1.15 11.47
CA GLY A 200 -12.11 -2.33 12.05
C GLY A 200 -13.01 -2.02 13.23
N HIS A 201 -13.44 -3.10 13.89
CA HIS A 201 -14.28 -2.99 15.07
C HIS A 201 -13.73 -3.79 16.25
N ARG A 202 -12.53 -4.35 16.12
CA ARG A 202 -11.85 -4.97 17.26
C ARG A 202 -10.92 -3.95 17.93
N GLU A 203 -10.61 -4.23 19.20
CA GLU A 203 -9.66 -3.41 19.92
C GLU A 203 -8.26 -3.67 19.40
N LEU A 204 -7.52 -2.59 19.14
CA LEU A 204 -6.15 -2.68 18.68
C LEU A 204 -5.20 -2.40 19.82
N HIS A 205 -4.04 -3.06 19.78
CA HIS A 205 -3.05 -2.96 20.84
C HIS A 205 -1.66 -2.80 20.25
N GLY A 206 -0.73 -2.38 21.10
CA GLY A 206 0.67 -2.24 20.70
C GLY A 206 1.05 -0.80 20.44
N ASP A 207 2.25 -0.65 19.88
CA ASP A 207 2.78 0.67 19.53
C ASP A 207 2.92 0.89 18.03
N PHE A 208 2.85 -0.17 17.22
CA PHE A 208 2.90 0.02 15.77
C PHE A 208 1.71 0.85 15.30
N VAL A 209 0.52 0.57 15.82
CA VAL A 209 -0.62 1.41 15.52
C VAL A 209 -0.45 2.78 16.17
N ALA A 210 -1.14 3.76 15.61
CA ALA A 210 -1.14 5.09 16.21
C ALA A 210 -1.79 5.03 17.58
N PRO A 211 -1.32 5.80 18.55
CA PRO A 211 -1.92 5.72 19.90
C PRO A 211 -3.39 6.10 19.95
N GLU A 212 -3.86 6.93 19.02
CA GLU A 212 -5.28 7.23 18.94
C GLU A 212 -6.10 6.05 18.45
N GLN A 213 -5.45 4.99 17.95
CA GLN A 213 -6.13 3.74 17.63
C GLN A 213 -6.26 2.84 18.84
N LEU A 214 -5.62 3.18 19.96
CA LEU A 214 -5.75 2.40 21.18
C LEU A 214 -6.99 2.81 21.96
N TRP A 215 -7.54 1.87 22.72
CA TRP A 215 -8.65 2.18 23.61
C TRP A 215 -8.24 3.25 24.60
N PRO A 216 -8.99 4.35 24.72
CA PRO A 216 -8.51 5.48 25.52
C PRO A 216 -9.00 5.55 26.96
N TYR A 217 -9.91 4.65 27.35
CA TYR A 217 -10.65 4.84 28.59
C TYR A 217 -10.21 3.90 29.72
N GLY A 218 -9.07 3.22 29.58
CA GLY A 218 -8.49 2.49 30.69
C GLY A 218 -9.15 1.14 30.94
N GLU A 219 -8.56 0.41 31.88
CA GLU A 219 -8.94 -0.98 32.14
C GLU A 219 -10.29 -1.10 32.85
N ASP A 220 -10.74 -0.05 33.54
CA ASP A 220 -11.97 -0.14 34.32
C ASP A 220 -13.22 0.02 33.47
N THR A 221 -13.08 0.46 32.23
CA THR A 221 -14.18 0.52 31.27
C THR A 221 -13.84 -0.41 30.12
N PRO A 222 -14.41 -1.61 30.08
CA PRO A 222 -14.05 -2.57 29.02
C PRO A 222 -14.29 -1.98 27.64
N PHE A 223 -13.40 -2.32 26.71
CA PHE A 223 -13.49 -1.76 25.36
C PHE A 223 -14.85 -2.03 24.75
N GLN A 224 -15.35 -1.06 23.99
CA GLN A 224 -16.65 -1.13 23.37
C GLN A 224 -16.61 -0.30 22.10
N ASP A 225 -16.81 -0.95 20.95
CA ASP A 225 -16.50 -0.31 19.67
C ASP A 225 -17.27 0.99 19.47
N ASP A 226 -18.53 1.03 19.89
CA ASP A 226 -19.34 2.23 19.70
C ASP A 226 -18.86 3.40 20.55
N LEU A 227 -18.08 3.13 21.60
CA LEU A 227 -17.46 4.19 22.38
C LEU A 227 -16.05 4.53 21.93
N MET A 228 -15.50 3.76 21.00
CA MET A 228 -14.14 4.01 20.52
C MET A 228 -14.13 5.24 19.62
N PRO A 229 -13.41 6.31 19.97
CA PRO A 229 -13.43 7.52 19.14
C PRO A 229 -12.71 7.29 17.82
N SER A 230 -13.29 7.81 16.76
CA SER A 230 -12.71 7.68 15.43
C SER A 230 -11.51 8.59 15.28
N TYR A 231 -10.77 8.40 14.17
CA TYR A 231 -9.55 9.16 13.91
C TYR A 231 -9.46 9.43 12.41
N ASN A 232 -8.30 9.88 11.96
CA ASN A 232 -8.13 10.32 10.58
C ASN A 232 -6.84 9.72 10.02
N GLU A 233 -6.34 10.32 8.95
CA GLU A 233 -5.21 9.79 8.18
C GLU A 233 -3.87 9.99 8.85
N LYS A 234 -3.81 10.67 9.98
CA LYS A 234 -2.55 10.80 10.71
C LYS A 234 -2.05 9.46 11.22
N VAL A 235 -2.90 8.44 11.27
CA VAL A 235 -2.47 7.10 11.67
C VAL A 235 -1.48 6.53 10.66
N ASP A 236 -1.59 6.92 9.39
CA ASP A 236 -0.61 6.52 8.39
C ASP A 236 0.74 7.18 8.66
N ILE A 237 0.72 8.46 9.03
CA ILE A 237 1.97 9.18 9.30
C ILE A 237 2.72 8.54 10.46
N TRP A 238 1.98 8.06 11.47
CA TRP A 238 2.61 7.43 12.62
C TRP A 238 3.47 6.24 12.23
N LYS A 239 3.13 5.57 11.13
CA LYS A 239 3.79 4.33 10.74
C LYS A 239 4.89 4.52 9.70
N ILE A 240 5.08 5.75 9.19
CA ILE A 240 6.12 5.97 8.18
C ILE A 240 7.50 5.59 8.68
N PRO A 241 7.96 6.02 9.88
CA PRO A 241 9.33 5.65 10.29
C PRO A 241 9.58 4.16 10.36
N ASP A 242 8.57 3.37 10.75
CA ASP A 242 8.76 1.92 10.81
C ASP A 242 9.03 1.34 9.42
N VAL A 243 8.28 1.79 8.42
CA VAL A 243 8.50 1.31 7.06
C VAL A 243 9.81 1.86 6.50
N SER A 244 10.07 3.16 6.73
CA SER A 244 11.29 3.76 6.21
C SER A 244 12.54 3.14 6.82
N SER A 245 12.51 2.87 8.13
CA SER A 245 13.65 2.21 8.76
C SER A 245 13.83 0.80 8.23
N PHE A 246 12.72 0.12 7.91
CA PHE A 246 12.81 -1.21 7.33
C PHE A 246 13.47 -1.16 5.95
N LEU A 247 13.08 -0.17 5.13
CA LEU A 247 13.67 -0.07 3.80
C LEU A 247 15.14 0.28 3.86
N LEU A 248 15.53 1.18 4.78
CA LEU A 248 16.92 1.57 4.91
C LEU A 248 17.81 0.38 5.28
N GLY A 249 17.28 -0.55 6.08
CA GLY A 249 18.02 -1.75 6.42
C GLY A 249 19.28 -1.43 7.19
N HIS A 250 20.30 -2.28 7.00
CA HIS A 250 21.59 -2.15 7.68
C HIS A 250 22.71 -2.31 6.65
N VAL A 251 22.81 -1.36 5.73
CA VAL A 251 23.92 -1.27 4.81
C VAL A 251 24.70 0.01 5.13
N GLU A 252 25.87 0.14 4.51
CA GLU A 252 26.71 1.30 4.74
C GLU A 252 25.96 2.58 4.36
N GLY A 253 25.73 3.43 5.36
CA GLY A 253 24.98 4.66 5.19
C GLY A 253 23.60 4.62 5.80
N SER A 254 23.08 3.43 6.13
CA SER A 254 21.75 3.32 6.72
C SER A 254 21.64 4.13 8.00
N ASP A 255 22.57 3.92 8.93
CA ASP A 255 22.53 4.66 10.19
C ASP A 255 22.82 6.14 9.97
N MET A 256 23.57 6.48 8.93
CA MET A 256 23.75 7.89 8.59
C MET A 256 22.42 8.52 8.19
N VAL A 257 21.62 7.81 7.40
CA VAL A 257 20.31 8.33 7.00
C VAL A 257 19.40 8.42 8.22
N ARG A 258 19.42 7.41 9.09
CA ARG A 258 18.60 7.44 10.29
C ARG A 258 18.92 8.65 11.16
N PHE A 259 20.21 8.98 11.27
CA PHE A 259 20.63 10.15 12.04
C PHE A 259 19.94 11.40 11.54
N HIS A 260 19.93 11.59 10.21
CA HIS A 260 19.31 12.78 9.63
C HIS A 260 17.80 12.70 9.60
N LEU A 261 17.22 11.52 9.80
CA LEU A 261 15.77 11.33 9.77
C LEU A 261 15.15 11.27 11.17
N PHE A 262 15.95 11.38 12.23
CA PHE A 262 15.43 11.20 13.58
C PHE A 262 14.33 12.22 13.88
N ASP A 263 14.57 13.50 13.59
CA ASP A 263 13.65 14.53 14.01
C ASP A 263 12.38 14.55 13.18
N ILE A 264 12.47 14.24 11.87
CA ILE A 264 11.26 14.14 11.07
C ILE A 264 10.48 12.90 11.46
N HIS A 265 11.18 11.81 11.79
CA HIS A 265 10.50 10.62 12.31
C HIS A 265 9.95 10.88 13.70
N LYS A 266 10.61 11.74 14.49
CA LYS A 266 10.08 12.12 15.78
C LYS A 266 8.76 12.88 15.63
N ALA A 267 8.67 13.75 14.63
CA ALA A 267 7.42 14.46 14.38
C ALA A 267 6.33 13.51 13.92
N CYS A 268 6.69 12.43 13.21
CA CYS A 268 5.70 11.44 12.81
C CYS A 268 5.16 10.67 14.01
N LYS A 269 6.02 10.41 14.99
CA LYS A 269 5.63 9.72 16.21
C LYS A 269 5.05 10.66 17.27
N SER A 270 4.59 11.84 16.86
CA SER A 270 3.97 12.76 17.81
C SER A 270 2.70 12.14 18.38
N GLN A 271 2.58 12.18 19.70
CA GLN A 271 1.41 11.60 20.35
C GLN A 271 0.13 12.31 19.92
N ILE A 272 0.17 13.62 19.78
CA ILE A 272 -0.98 14.39 19.30
C ILE A 272 -1.02 14.29 17.77
N PRO A 273 -2.09 13.74 17.20
CA PRO A 273 -2.11 13.54 15.74
C PRO A 273 -1.96 14.82 14.94
N ALA A 274 -2.61 15.90 15.38
CA ALA A 274 -2.55 17.17 14.64
C ALA A 274 -1.16 17.75 14.58
N GLU A 275 -0.27 17.37 15.52
CA GLU A 275 1.11 17.83 15.47
C GLU A 275 1.97 17.01 14.51
N ARG A 276 1.44 15.93 13.95
CA ARG A 276 2.21 15.14 13.01
C ARG A 276 2.24 15.83 11.64
N PRO A 277 3.34 15.74 10.91
CA PRO A 277 3.41 16.37 9.60
C PRO A 277 2.54 15.63 8.58
N THR A 278 2.21 16.34 7.50
CA THR A 278 1.56 15.69 6.38
C THR A 278 2.55 14.78 5.67
N ALA A 279 2.02 13.88 4.83
CA ALA A 279 2.89 13.04 4.03
C ALA A 279 3.75 13.89 3.10
N GLN A 280 3.21 15.01 2.61
CA GLN A 280 3.98 15.91 1.77
C GLN A 280 5.17 16.49 2.52
N ASN A 281 4.96 16.85 3.80
CA ASN A 281 6.05 17.37 4.61
C ASN A 281 7.18 16.35 4.71
N VAL A 282 6.84 15.10 5.04
CA VAL A 282 7.84 14.05 5.21
C VAL A 282 8.62 13.86 3.91
N LEU A 283 7.92 13.86 2.78
CA LEU A 283 8.59 13.70 1.49
C LEU A 283 9.56 14.85 1.23
N ASP A 284 9.13 16.09 1.49
CA ASP A 284 10.01 17.23 1.31
C ASP A 284 11.26 17.11 2.17
N ALA A 285 11.10 16.71 3.43
CA ALA A 285 12.25 16.50 4.30
C ALA A 285 13.12 15.36 3.79
N TYR A 286 12.49 14.26 3.36
CA TYR A 286 13.24 13.15 2.78
C TYR A 286 14.06 13.61 1.58
N GLN A 287 13.49 14.48 0.75
CA GLN A 287 14.17 14.92 -0.46
C GLN A 287 15.33 15.85 -0.13
N ARG A 288 15.15 16.74 0.85
CA ARG A 288 16.26 17.60 1.28
C ARG A 288 17.39 16.76 1.89
N VAL A 289 17.02 15.72 2.65
CA VAL A 289 18.04 14.87 3.25
C VAL A 289 18.75 14.04 2.19
N PHE A 290 18.01 13.55 1.19
CA PHE A 290 18.61 12.76 0.12
C PHE A 290 19.65 13.57 -0.64
N HIS A 291 19.25 14.74 -1.15
CA HIS A 291 20.16 15.56 -1.95
C HIS A 291 21.35 16.03 -1.11
N SER A 292 21.14 16.28 0.18
CA SER A 292 22.21 16.78 1.03
C SER A 292 23.30 15.74 1.22
N LEU A 293 22.93 14.48 1.32
CA LEU A 293 23.89 13.41 1.60
C LEU A 293 24.63 12.97 0.33
#